data_5TL9
#
_entry.id   5TL9
#
_cell.length_a   77.318
_cell.length_b   77.318
_cell.length_c   122.954
_cell.angle_alpha   90.00
_cell.angle_beta   90.00
_cell.angle_gamma   120.00
#
_symmetry.space_group_name_H-M   'H 3'
#
loop_
_entity.id
_entity.type
_entity.pdbx_description
1 polymer 'Prostaglandin E synthase'
2 non-polymer '2-{2-[(1S,2S)-2-{[1-(8-methylquinolin-2-yl)piperidine-4-carbonyl]amino}cyclopentyl]ethyl}benzoic acid'
3 non-polymer GLUTATHIONE
4 non-polymer 'hexyl beta-D-glucopyranoside'
5 non-polymer 'octyl beta-D-glucopyranoside'
6 non-polymer 'TETRAETHYLENE GLYCOL'
7 non-polymer DI(HYDROXYETHYL)ETHER
8 water water
#
_entity_poly.entity_id   1
_entity_poly.type   'polypeptide(L)'
_entity_poly.pdbx_seq_one_letter_code
;MALPAHSLVMSSPALPAFLLCSTLLVIKMYVVAIITGQVRLRKKAFANPEDALRHGGPQY(CSO)RSDPDVERCLRAHRN
DMETIYPFLFLGFVYSFLGPNPFVAWMHFLVFLVGRVAHTVAYLGKLRAPIRSVTYTLAQLPCASMALQILWEAARHL
;
_entity_poly.pdbx_strand_id   A
#
# COMPACT_ATOMS: atom_id res chain seq x y z
N SER A 7 -18.97 13.81 -14.54
CA SER A 7 -17.61 13.33 -14.18
C SER A 7 -17.44 11.84 -14.48
N LEU A 8 -16.24 11.47 -14.94
CA LEU A 8 -15.90 10.08 -15.27
C LEU A 8 -15.59 9.21 -14.05
N VAL A 9 -15.61 9.82 -12.86
CA VAL A 9 -15.53 9.11 -11.57
C VAL A 9 -16.76 8.21 -11.33
N MET A 10 -17.89 8.58 -11.94
N MET A 10 -17.89 8.59 -11.93
CA MET A 10 -19.12 7.79 -11.84
CA MET A 10 -19.13 7.83 -11.88
C MET A 10 -19.31 6.79 -12.98
C MET A 10 -19.31 6.89 -13.06
N SER A 11 -18.20 6.35 -13.58
CA SER A 11 -18.21 5.36 -14.67
C SER A 11 -18.72 4.00 -14.19
N SER A 12 -18.52 3.72 -12.90
CA SER A 12 -19.05 2.55 -12.22
C SER A 12 -19.34 2.91 -10.76
N PRO A 13 -20.38 2.30 -10.13
CA PRO A 13 -20.74 2.61 -8.75
C PRO A 13 -19.63 2.46 -7.71
N ALA A 14 -18.72 1.50 -7.94
CA ALA A 14 -17.61 1.22 -7.00
C ALA A 14 -16.40 2.14 -7.16
N LEU A 15 -16.33 2.83 -8.30
CA LEU A 15 -15.14 3.61 -8.65
C LEU A 15 -14.77 4.72 -7.66
N PRO A 16 -15.75 5.56 -7.20
CA PRO A 16 -15.36 6.59 -6.24
C PRO A 16 -14.69 6.04 -4.97
N ALA A 17 -15.24 4.96 -4.41
CA ALA A 17 -14.66 4.31 -3.23
C ALA A 17 -13.25 3.79 -3.51
N PHE A 18 -13.05 3.17 -4.67
CA PHE A 18 -11.74 2.69 -5.07
C PHE A 18 -10.75 3.84 -5.15
N LEU A 19 -11.14 4.92 -5.82
CA LEU A 19 -10.25 6.05 -6.03
C LEU A 19 -9.89 6.75 -4.72
N LEU A 20 -10.85 6.82 -3.80
CA LEU A 20 -10.60 7.38 -2.47
C LEU A 20 -9.58 6.55 -1.71
N CYS A 21 -9.83 5.24 -1.60
CA CYS A 21 -8.93 4.35 -0.85
C CYS A 21 -7.53 4.30 -1.46
N SER A 22 -7.47 4.20 -2.78
N SER A 22 -7.46 4.20 -2.79
CA SER A 22 -6.20 4.15 -3.50
CA SER A 22 -6.19 4.11 -3.51
C SER A 22 -5.35 5.39 -3.27
C SER A 22 -5.33 5.38 -3.40
N THR A 23 -5.98 6.56 -3.44
CA THR A 23 -5.27 7.82 -3.31
C THR A 23 -4.77 8.02 -1.87
N LEU A 24 -5.59 7.63 -0.89
CA LEU A 24 -5.15 7.65 0.50
C LEU A 24 -3.93 6.74 0.72
N LEU A 25 -3.93 5.58 0.08
CA LEU A 25 -2.80 4.66 0.17
C LEU A 25 -1.54 5.19 -0.48
N VAL A 26 -1.69 5.87 -1.62
CA VAL A 26 -0.55 6.56 -2.25
C VAL A 26 0.02 7.64 -1.31
N ILE A 27 -0.87 8.44 -0.71
CA ILE A 27 -0.45 9.45 0.26
C ILE A 27 0.26 8.79 1.46
N LYS A 28 -0.26 7.65 1.91
CA LYS A 28 0.35 6.88 2.99
C LYS A 28 1.78 6.39 2.65
N MET A 29 2.01 6.06 1.38
N MET A 29 2.01 6.06 1.38
CA MET A 29 3.37 5.73 0.91
CA MET A 29 3.36 5.72 0.90
C MET A 29 4.26 6.96 0.92
C MET A 29 4.27 6.94 0.88
N TYR A 30 3.73 8.10 0.48
CA TYR A 30 4.45 9.37 0.53
C TYR A 30 4.86 9.73 1.98
N VAL A 31 3.96 9.46 2.93
CA VAL A 31 4.27 9.65 4.35
C VAL A 31 5.47 8.81 4.77
N VAL A 32 5.51 7.55 4.33
CA VAL A 32 6.66 6.69 4.60
C VAL A 32 7.95 7.26 4.01
N ALA A 33 7.90 7.77 2.77
CA ALA A 33 9.07 8.41 2.16
C ALA A 33 9.57 9.60 2.98
N ILE A 34 8.64 10.43 3.45
CA ILE A 34 8.98 11.61 4.25
C ILE A 34 9.56 11.21 5.61
N ILE A 35 8.93 10.24 6.27
CA ILE A 35 9.46 9.68 7.52
C ILE A 35 10.88 9.15 7.33
N THR A 36 11.10 8.42 6.24
CA THR A 36 12.43 7.87 5.94
C THR A 36 13.48 8.99 5.91
N GLY A 37 13.17 10.08 5.21
CA GLY A 37 14.06 11.24 5.15
C GLY A 37 14.35 11.84 6.52
N GLN A 38 13.31 11.95 7.34
CA GLN A 38 13.44 12.45 8.71
C GLN A 38 14.34 11.56 9.56
N VAL A 39 14.18 10.25 9.43
CA VAL A 39 15.01 9.29 10.15
C VAL A 39 16.48 9.39 9.69
N ARG A 40 16.72 9.51 8.38
CA ARG A 40 18.07 9.71 7.86
C ARG A 40 18.74 10.95 8.46
N LEU A 41 17.99 12.05 8.51
CA LEU A 41 18.51 13.30 9.06
C LEU A 41 18.78 13.23 10.56
N ARG A 42 17.83 12.68 11.31
CA ARG A 42 17.93 12.64 12.76
C ARG A 42 18.94 11.62 13.28
N LYS A 43 19.06 10.49 12.58
CA LYS A 43 20.05 9.46 12.92
C LYS A 43 21.39 9.67 12.19
N LYS A 44 21.43 10.67 11.30
CA LYS A 44 22.60 10.97 10.47
C LYS A 44 23.10 9.72 9.73
N ALA A 45 22.20 9.14 8.94
CA ALA A 45 22.49 7.91 8.21
C ALA A 45 22.05 8.06 6.75
N PHE A 46 23.02 8.37 5.91
CA PHE A 46 22.78 8.69 4.51
C PHE A 46 23.30 7.58 3.61
N ALA A 47 22.64 7.39 2.48
CA ALA A 47 22.99 6.34 1.55
C ALA A 47 24.12 6.72 0.61
N ASN A 48 24.39 8.02 0.49
CA ASN A 48 25.28 8.56 -0.52
C ASN A 48 26.35 9.45 0.09
N PRO A 49 27.60 9.32 -0.37
CA PRO A 49 28.68 10.18 0.17
C PRO A 49 28.40 11.67 -0.03
N GLU A 50 27.78 12.04 -1.15
CA GLU A 50 27.46 13.46 -1.40
C GLU A 50 26.46 14.02 -0.40
N ASP A 51 25.54 13.17 0.07
CA ASP A 51 24.57 13.55 1.11
C ASP A 51 25.29 13.73 2.44
N ALA A 52 26.10 12.73 2.81
CA ALA A 52 26.83 12.72 4.07
C ALA A 52 27.73 13.95 4.23
N LEU A 53 28.44 14.31 3.16
CA LEU A 53 29.35 15.46 3.20
C LEU A 53 28.63 16.78 3.46
N ARG A 54 27.39 16.91 2.98
CA ARG A 54 26.57 18.09 3.25
C ARG A 54 26.06 18.10 4.70
N HIS A 55 25.81 16.92 5.26
CA HIS A 55 25.15 16.79 6.56
C HIS A 55 26.05 16.29 7.69
N GLY A 56 27.31 16.71 7.70
CA GLY A 56 28.19 16.49 8.84
C GLY A 56 29.54 15.85 8.58
N GLY A 57 29.67 15.14 7.47
CA GLY A 57 30.93 14.48 7.13
C GLY A 57 30.76 13.08 6.57
N PRO A 58 31.84 12.52 5.99
CA PRO A 58 31.81 11.24 5.28
C PRO A 58 31.44 10.05 6.16
N GLN A 59 31.68 10.15 7.47
CA GLN A 59 31.34 9.10 8.43
C GLN A 59 29.82 8.85 8.54
N TYR A 60 29.02 9.79 8.04
CA TYR A 60 27.57 9.67 8.08
C TYR A 60 26.96 8.97 6.85
N ARG A 62 26.32 5.76 5.97
CA ARG A 62 26.26 4.55 6.78
C ARG A 62 24.83 4.03 6.81
N SER A 63 24.70 2.73 7.07
CA SER A 63 23.40 2.11 7.30
C SER A 63 22.92 2.40 8.72
N ASP A 64 21.61 2.29 8.93
CA ASP A 64 21.00 2.46 10.24
C ASP A 64 19.78 1.54 10.34
N PRO A 65 19.58 0.87 11.50
CA PRO A 65 18.46 -0.07 11.59
C PRO A 65 17.07 0.55 11.39
N ASP A 66 16.87 1.77 11.87
CA ASP A 66 15.58 2.45 11.70
C ASP A 66 15.35 2.89 10.25
N VAL A 67 16.41 3.35 9.58
CA VAL A 67 16.33 3.67 8.15
C VAL A 67 15.99 2.39 7.36
N GLU A 68 16.69 1.30 7.64
CA GLU A 68 16.43 0.02 6.98
C GLU A 68 14.99 -0.45 7.20
N ARG A 69 14.47 -0.28 8.42
CA ARG A 69 13.08 -0.61 8.75
C ARG A 69 12.10 0.22 7.91
N CYS A 70 12.35 1.53 7.79
CA CYS A 70 11.55 2.40 6.93
C CYS A 70 11.54 1.91 5.49
N LEU A 71 12.70 1.55 4.97
N LEU A 71 12.72 1.56 4.97
CA LEU A 71 12.82 1.03 3.61
CA LEU A 71 12.86 1.01 3.62
C LEU A 71 12.07 -0.29 3.45
C LEU A 71 12.13 -0.31 3.42
N ARG A 72 12.09 -1.15 4.46
CA ARG A 72 11.33 -2.40 4.41
C ARG A 72 9.83 -2.17 4.33
N ALA A 73 9.33 -1.21 5.13
CA ALA A 73 7.91 -0.87 5.09
C ALA A 73 7.53 -0.33 3.71
N HIS A 74 8.36 0.56 3.18
CA HIS A 74 8.15 1.14 1.86
C HIS A 74 8.18 0.07 0.77
N ARG A 75 9.16 -0.85 0.85
CA ARG A 75 9.24 -1.95 -0.10
C ARG A 75 8.01 -2.84 -0.02
N ASN A 76 7.60 -3.18 1.20
CA ASN A 76 6.41 -4.00 1.36
C ASN A 76 5.16 -3.34 0.78
N ASP A 77 5.04 -2.02 0.98
CA ASP A 77 4.01 -1.22 0.30
C ASP A 77 4.05 -1.41 -1.21
N MET A 78 5.25 -1.33 -1.81
CA MET A 78 5.37 -1.50 -3.27
C MET A 78 4.98 -2.91 -3.73
N GLU A 79 5.24 -3.89 -2.86
CA GLU A 79 4.88 -5.29 -3.14
C GLU A 79 3.37 -5.56 -3.10
N THR A 80 2.60 -4.66 -2.48
CA THR A 80 1.18 -4.93 -2.21
C THR A 80 0.23 -3.85 -2.71
N ILE A 81 0.58 -2.59 -2.45
CA ILE A 81 -0.30 -1.48 -2.83
C ILE A 81 -0.33 -1.31 -4.35
N TYR A 82 0.81 -1.44 -5.02
CA TYR A 82 0.83 -1.31 -6.48
C TYR A 82 -0.07 -2.36 -7.16
N PRO A 83 0.01 -3.66 -6.76
CA PRO A 83 -0.95 -4.63 -7.30
C PRO A 83 -2.40 -4.26 -7.04
N PHE A 84 -2.71 -3.75 -5.84
CA PHE A 84 -4.06 -3.28 -5.53
C PHE A 84 -4.55 -2.16 -6.45
N LEU A 85 -3.66 -1.23 -6.80
CA LEU A 85 -4.02 -0.14 -7.72
C LEU A 85 -4.51 -0.69 -9.06
N PHE A 86 -3.86 -1.75 -9.53
CA PHE A 86 -4.28 -2.43 -10.74
C PHE A 86 -5.57 -3.24 -10.54
N LEU A 87 -5.55 -4.15 -9.57
CA LEU A 87 -6.67 -5.08 -9.35
C LEU A 87 -7.96 -4.36 -9.00
N GLY A 88 -7.86 -3.37 -8.10
CA GLY A 88 -9.03 -2.62 -7.65
C GLY A 88 -9.65 -1.79 -8.76
N PHE A 89 -8.82 -1.24 -9.64
CA PHE A 89 -9.30 -0.45 -10.78
C PHE A 89 -10.11 -1.33 -11.73
N VAL A 90 -9.54 -2.47 -12.11
CA VAL A 90 -10.21 -3.40 -13.01
C VAL A 90 -11.50 -3.94 -12.37
N TYR A 91 -11.40 -4.34 -11.11
CA TYR A 91 -12.52 -4.88 -10.33
C TYR A 91 -13.69 -3.90 -10.24
N SER A 92 -13.38 -2.61 -10.13
CA SER A 92 -14.42 -1.56 -10.11
C SER A 92 -15.32 -1.57 -11.34
N PHE A 93 -14.80 -2.06 -12.47
CA PHE A 93 -15.54 -2.10 -13.73
C PHE A 93 -16.21 -3.44 -14.05
N LEU A 94 -16.14 -4.39 -13.11
CA LEU A 94 -16.73 -5.72 -13.30
C LEU A 94 -18.16 -5.80 -12.76
N GLY A 95 -18.72 -4.64 -12.42
CA GLY A 95 -20.05 -4.52 -11.82
C GLY A 95 -20.23 -5.31 -10.52
N PRO A 96 -19.32 -5.14 -9.53
CA PRO A 96 -19.52 -5.84 -8.27
C PRO A 96 -20.59 -5.15 -7.43
N ASN A 97 -21.16 -5.87 -6.46
CA ASN A 97 -22.07 -5.28 -5.49
C ASN A 97 -21.37 -4.10 -4.79
N PRO A 98 -22.00 -2.91 -4.78
CA PRO A 98 -21.40 -1.68 -4.22
C PRO A 98 -20.85 -1.88 -2.81
N PHE A 99 -21.66 -2.45 -1.91
CA PHE A 99 -21.25 -2.70 -0.54
C PHE A 99 -20.11 -3.71 -0.43
N VAL A 100 -20.19 -4.80 -1.20
CA VAL A 100 -19.14 -5.82 -1.24
C VAL A 100 -17.81 -5.21 -1.70
N ALA A 101 -17.86 -4.41 -2.76
CA ALA A 101 -16.68 -3.69 -3.26
C ALA A 101 -16.08 -2.77 -2.21
N TRP A 102 -16.92 -1.98 -1.53
N TRP A 102 -16.93 -1.97 -1.55
CA TRP A 102 -16.49 -1.10 -0.42
CA TRP A 102 -16.55 -1.12 -0.40
C TRP A 102 -15.75 -1.88 0.66
C TRP A 102 -15.76 -1.90 0.64
N MET A 103 -16.29 -3.03 1.04
N MET A 103 -16.31 -3.04 1.04
CA MET A 103 -15.66 -3.89 2.04
CA MET A 103 -15.66 -3.89 2.04
C MET A 103 -14.27 -4.35 1.58
C MET A 103 -14.28 -4.37 1.58
N HIS A 104 -14.14 -4.74 0.31
CA HIS A 104 -12.83 -5.12 -0.27
C HIS A 104 -11.83 -3.97 -0.13
N PHE A 105 -12.25 -2.77 -0.52
CA PHE A 105 -11.36 -1.61 -0.49
C PHE A 105 -11.03 -1.16 0.93
N LEU A 106 -12.02 -1.19 1.82
CA LEU A 106 -11.87 -0.77 3.21
CA LEU A 106 -11.86 -0.77 3.21
C LEU A 106 -10.95 -1.72 3.98
N VAL A 107 -11.12 -3.04 3.78
CA VAL A 107 -10.25 -4.02 4.42
C VAL A 107 -8.80 -3.81 3.98
N PHE A 108 -8.58 -3.56 2.68
CA PHE A 108 -7.24 -3.28 2.20
C PHE A 108 -6.66 -2.00 2.80
N LEU A 109 -7.44 -0.92 2.78
CA LEU A 109 -7.02 0.35 3.34
C LEU A 109 -6.64 0.24 4.82
N VAL A 110 -7.55 -0.32 5.62
CA VAL A 110 -7.33 -0.45 7.06
C VAL A 110 -6.16 -1.39 7.36
N GLY A 111 -6.12 -2.53 6.67
CA GLY A 111 -5.03 -3.49 6.85
C GLY A 111 -3.66 -2.90 6.53
N ARG A 112 -3.58 -2.13 5.45
CA ARG A 112 -2.31 -1.52 5.05
C ARG A 112 -1.87 -0.37 5.95
N VAL A 113 -2.80 0.48 6.37
CA VAL A 113 -2.45 1.53 7.34
C VAL A 113 -1.95 0.87 8.63
N ALA A 114 -2.69 -0.15 9.10
CA ALA A 114 -2.29 -0.90 10.29
C ALA A 114 -0.92 -1.57 10.12
N HIS A 115 -0.63 -2.07 8.91
CA HIS A 115 0.67 -2.67 8.60
C HIS A 115 1.81 -1.69 8.82
N THR A 116 1.67 -0.47 8.29
CA THR A 116 2.70 0.55 8.45
C THR A 116 2.88 0.95 9.92
N VAL A 117 1.78 1.10 10.64
CA VAL A 117 1.82 1.40 12.07
C VAL A 117 2.55 0.28 12.83
N ALA A 118 2.20 -0.98 12.52
CA ALA A 118 2.82 -2.14 13.16
C ALA A 118 4.30 -2.28 12.82
N TYR A 119 4.66 -1.91 11.59
CA TYR A 119 6.05 -2.02 11.13
C TYR A 119 6.93 -0.93 11.73
N LEU A 120 6.56 0.32 11.49
CA LEU A 120 7.34 1.45 11.99
C LEU A 120 7.27 1.58 13.51
N GLY A 121 6.15 1.14 14.08
CA GLY A 121 5.96 1.14 15.53
C GLY A 121 6.60 -0.02 16.27
N LYS A 122 7.19 -0.97 15.52
CA LYS A 122 7.88 -2.14 16.09
C LYS A 122 6.97 -2.93 17.04
N LEU A 123 5.72 -3.12 16.63
CA LEU A 123 4.75 -3.84 17.46
C LEU A 123 5.09 -5.32 17.48
N ARG A 124 4.72 -5.99 18.57
CA ARG A 124 5.06 -7.41 18.74
C ARG A 124 4.48 -8.27 17.61
N ALA A 125 5.21 -9.31 17.24
CA ALA A 125 4.72 -10.30 16.29
C ALA A 125 3.58 -11.10 16.95
N PRO A 126 2.57 -11.56 16.20
CA PRO A 126 2.49 -11.47 14.75
C PRO A 126 1.57 -10.33 14.26
N ILE A 127 1.51 -9.21 14.98
CA ILE A 127 0.59 -8.11 14.62
C ILE A 127 0.78 -7.66 13.16
N ARG A 128 2.01 -7.30 12.78
CA ARG A 128 2.29 -6.90 11.40
C ARG A 128 1.91 -7.98 10.39
N SER A 129 2.30 -9.22 10.66
CA SER A 129 2.03 -10.34 9.76
C SER A 129 0.53 -10.60 9.58
N VAL A 130 -0.24 -10.43 10.66
CA VAL A 130 -1.70 -10.55 10.62
C VAL A 130 -2.31 -9.44 9.76
N THR A 131 -1.87 -8.19 9.96
CA THR A 131 -2.39 -7.08 9.15
C THR A 131 -2.07 -7.28 7.66
N TYR A 132 -0.87 -7.79 7.37
CA TYR A 132 -0.47 -8.10 6.00
C TYR A 132 -1.44 -9.12 5.38
N THR A 133 -1.68 -10.21 6.12
CA THR A 133 -2.53 -11.30 5.68
C THR A 133 -3.96 -10.82 5.42
N LEU A 134 -4.51 -10.07 6.39
N LEU A 134 -4.52 -10.06 6.37
CA LEU A 134 -5.85 -9.49 6.29
CA LEU A 134 -5.87 -9.53 6.25
C LEU A 134 -6.01 -8.68 5.01
C LEU A 134 -6.06 -8.62 5.03
N ALA A 135 -5.08 -7.77 4.76
CA ALA A 135 -5.12 -6.88 3.58
C ALA A 135 -4.99 -7.65 2.26
N GLN A 136 -4.22 -8.74 2.25
CA GLN A 136 -4.09 -9.54 1.04
C GLN A 136 -5.36 -10.30 0.65
N LEU A 137 -6.22 -10.61 1.62
CA LEU A 137 -7.45 -11.37 1.34
C LEU A 137 -8.36 -10.73 0.26
N PRO A 138 -8.71 -9.42 0.38
CA PRO A 138 -9.48 -8.83 -0.71
C PRO A 138 -8.73 -8.76 -2.05
N CYS A 139 -7.41 -8.68 -2.00
CA CYS A 139 -6.61 -8.71 -3.24
C CYS A 139 -6.72 -10.05 -3.96
N ALA A 140 -6.62 -11.14 -3.20
CA ALA A 140 -6.81 -12.50 -3.73
C ALA A 140 -8.21 -12.65 -4.32
N SER A 141 -9.21 -12.15 -3.60
CA SER A 141 -10.60 -12.19 -4.04
C SER A 141 -10.81 -11.46 -5.36
N MET A 142 -10.28 -10.25 -5.47
CA MET A 142 -10.39 -9.47 -6.71
C MET A 142 -9.66 -10.13 -7.87
N ALA A 143 -8.45 -10.65 -7.59
CA ALA A 143 -7.66 -11.34 -8.62
C ALA A 143 -8.43 -12.52 -9.22
N LEU A 144 -9.02 -13.35 -8.37
CA LEU A 144 -9.82 -14.49 -8.85
C LEU A 144 -11.01 -14.05 -9.69
N GLN A 145 -11.72 -12.99 -9.24
CA GLN A 145 -12.86 -12.47 -9.97
C GLN A 145 -12.48 -11.95 -11.36
N ILE A 146 -11.35 -11.25 -11.43
CA ILE A 146 -10.82 -10.76 -12.70
C ILE A 146 -10.44 -11.94 -13.62
N LEU A 147 -9.80 -12.95 -13.04
CA LEU A 147 -9.42 -14.15 -13.80
CA LEU A 147 -9.40 -14.15 -13.79
C LEU A 147 -10.61 -14.78 -14.50
N TRP A 148 -11.71 -14.96 -13.77
CA TRP A 148 -12.90 -15.58 -14.33
C TRP A 148 -13.53 -14.73 -15.43
N GLU A 149 -13.61 -13.42 -15.18
CA GLU A 149 -14.20 -12.49 -16.13
CA GLU A 149 -14.21 -12.50 -16.14
C GLU A 149 -13.36 -12.39 -17.40
N ALA A 150 -12.04 -12.29 -17.24
CA ALA A 150 -11.13 -12.23 -18.38
C ALA A 150 -11.16 -13.53 -19.19
N ALA A 151 -11.01 -14.67 -18.51
CA ALA A 151 -11.00 -15.97 -19.16
C ALA A 151 -12.28 -16.25 -19.96
N ARG A 152 -13.43 -15.85 -19.41
CA ARG A 152 -14.72 -16.14 -20.05
C ARG A 152 -15.00 -15.24 -21.26
N HIS A 153 -14.22 -14.16 -21.41
CA HIS A 153 -14.36 -13.24 -22.53
CA HIS A 153 -14.36 -13.24 -22.53
C HIS A 153 -13.32 -13.48 -23.64
N LEU A 154 -12.52 -14.54 -23.49
CA LEU A 154 -11.49 -14.88 -24.48
C LEU A 154 -12.08 -15.42 -25.78
#